data_333D
# 
_entry.id   333D 
# 
_audit_conform.dict_name       mmcif_pdbx.dic 
_audit_conform.dict_version    5.389 
_audit_conform.dict_location   http://mmcif.pdb.org/dictionaries/ascii/mmcif_pdbx.dic 
# 
loop_
_database_2.database_id 
_database_2.database_code 
_database_2.pdbx_database_accession 
_database_2.pdbx_DOI 
PDB   333D         pdb_0000333d 10.2210/pdb333d/pdb 
RCSB  ARHB90       ?            ?                   
WWPDB D_1000178802 ?            ?                   
# 
loop_
_pdbx_audit_revision_history.ordinal 
_pdbx_audit_revision_history.data_content_type 
_pdbx_audit_revision_history.major_revision 
_pdbx_audit_revision_history.minor_revision 
_pdbx_audit_revision_history.revision_date 
1 'Structure model' 1 0 1997-10-16 
2 'Structure model' 1 1 2008-05-22 
3 'Structure model' 1 2 2011-07-13 
4 'Structure model' 2 0 2024-02-21 
5 'Structure model' 2 1 2024-04-03 
# 
_pdbx_audit_revision_details.ordinal             1 
_pdbx_audit_revision_details.revision_ordinal    1 
_pdbx_audit_revision_details.data_content_type   'Structure model' 
_pdbx_audit_revision_details.provider            repository 
_pdbx_audit_revision_details.type                'Initial release' 
_pdbx_audit_revision_details.description         ? 
_pdbx_audit_revision_details.details             ? 
# 
loop_
_pdbx_audit_revision_group.ordinal 
_pdbx_audit_revision_group.revision_ordinal 
_pdbx_audit_revision_group.data_content_type 
_pdbx_audit_revision_group.group 
1 2 'Structure model' 'Version format compliance' 
2 3 'Structure model' 'Version format compliance' 
3 4 'Structure model' 'Atomic model'              
4 4 'Structure model' 'Data collection'           
5 4 'Structure model' 'Database references'       
6 4 'Structure model' 'Derived calculations'      
7 5 'Structure model' 'Refinement description'    
# 
loop_
_pdbx_audit_revision_category.ordinal 
_pdbx_audit_revision_category.revision_ordinal 
_pdbx_audit_revision_category.data_content_type 
_pdbx_audit_revision_category.category 
1 4 'Structure model' atom_site                     
2 4 'Structure model' chem_comp_atom                
3 4 'Structure model' chem_comp_bond                
4 4 'Structure model' database_2                    
5 4 'Structure model' pdbx_struct_conn_angle        
6 4 'Structure model' struct_conn                   
7 4 'Structure model' struct_site                   
8 5 'Structure model' pdbx_initial_refinement_model 
# 
loop_
_pdbx_audit_revision_item.ordinal 
_pdbx_audit_revision_item.revision_ordinal 
_pdbx_audit_revision_item.data_content_type 
_pdbx_audit_revision_item.item 
1  4 'Structure model' '_atom_site.occupancy'                        
2  4 'Structure model' '_database_2.pdbx_DOI'                        
3  4 'Structure model' '_database_2.pdbx_database_accession'         
4  4 'Structure model' '_pdbx_struct_conn_angle.ptnr1_auth_comp_id'  
5  4 'Structure model' '_pdbx_struct_conn_angle.ptnr1_auth_seq_id'   
6  4 'Structure model' '_pdbx_struct_conn_angle.ptnr1_label_asym_id' 
7  4 'Structure model' '_pdbx_struct_conn_angle.ptnr1_label_atom_id' 
8  4 'Structure model' '_pdbx_struct_conn_angle.ptnr1_label_comp_id' 
9  4 'Structure model' '_pdbx_struct_conn_angle.ptnr1_label_seq_id'  
10 4 'Structure model' '_pdbx_struct_conn_angle.ptnr1_symmetry'      
11 4 'Structure model' '_pdbx_struct_conn_angle.ptnr3_auth_comp_id'  
12 4 'Structure model' '_pdbx_struct_conn_angle.ptnr3_auth_seq_id'   
13 4 'Structure model' '_pdbx_struct_conn_angle.ptnr3_label_asym_id' 
14 4 'Structure model' '_pdbx_struct_conn_angle.ptnr3_label_atom_id' 
15 4 'Structure model' '_pdbx_struct_conn_angle.ptnr3_label_comp_id' 
16 4 'Structure model' '_pdbx_struct_conn_angle.ptnr3_label_seq_id'  
17 4 'Structure model' '_pdbx_struct_conn_angle.ptnr3_symmetry'      
18 4 'Structure model' '_pdbx_struct_conn_angle.value'               
19 4 'Structure model' '_struct_conn.pdbx_dist_value'                
20 4 'Structure model' '_struct_conn.ptnr1_auth_comp_id'             
21 4 'Structure model' '_struct_conn.ptnr1_auth_seq_id'              
22 4 'Structure model' '_struct_conn.ptnr1_label_asym_id'            
23 4 'Structure model' '_struct_conn.ptnr1_label_atom_id'            
24 4 'Structure model' '_struct_conn.ptnr1_label_comp_id'            
25 4 'Structure model' '_struct_conn.ptnr1_label_seq_id'             
26 4 'Structure model' '_struct_conn.ptnr1_symmetry'                 
27 4 'Structure model' '_struct_conn.ptnr2_auth_comp_id'             
28 4 'Structure model' '_struct_conn.ptnr2_auth_seq_id'              
29 4 'Structure model' '_struct_conn.ptnr2_label_asym_id'            
30 4 'Structure model' '_struct_conn.ptnr2_label_atom_id'            
31 4 'Structure model' '_struct_conn.ptnr2_label_comp_id'            
32 4 'Structure model' '_struct_conn.ptnr2_label_seq_id'             
33 4 'Structure model' '_struct_conn.ptnr2_symmetry'                 
34 4 'Structure model' '_struct_site.pdbx_auth_asym_id'              
35 4 'Structure model' '_struct_site.pdbx_auth_comp_id'              
36 4 'Structure model' '_struct_site.pdbx_auth_seq_id'               
# 
_pdbx_database_status.status_code                     REL 
_pdbx_database_status.entry_id                        333D 
_pdbx_database_status.recvd_initial_deposition_date   1997-05-20 
_pdbx_database_status.deposit_site                    NDB 
_pdbx_database_status.process_site                    NDB 
_pdbx_database_status.status_code_sf                  REL 
_pdbx_database_status.status_code_mr                  ? 
_pdbx_database_status.SG_entry                        ? 
_pdbx_database_status.pdb_format_compatible           Y 
_pdbx_database_status.status_code_cs                  ? 
_pdbx_database_status.status_code_nmr_data            ? 
_pdbx_database_status.methods_development_category    ? 
# 
loop_
_audit_author.name 
_audit_author.pdbx_ordinal 
'Carter, R.J.'       1 
'Baeyens, K.J.'      2 
'SantaLucia Jr., J.' 3 
'Turner, D.H.'       4 
'Holbrook, S.R.'     5 
# 
_citation.id                        primary 
_citation.title                     'The crystal structure of an RNA oligomer incorporating tandem adenosine-inosine mismatches.' 
_citation.journal_abbrev            'Nucleic Acids Res.' 
_citation.journal_volume            25 
_citation.page_first                4117 
_citation.page_last                 4122 
_citation.year                      1997 
_citation.journal_id_ASTM           NARHAD 
_citation.country                   UK 
_citation.journal_id_ISSN           0305-1048 
_citation.journal_id_CSD            0389 
_citation.book_publisher            ? 
_citation.pdbx_database_id_PubMed   9321667 
_citation.pdbx_database_id_DOI      10.1093/nar/25.20.4117 
# 
loop_
_citation_author.citation_id 
_citation_author.name 
_citation_author.ordinal 
_citation_author.identifier_ORCID 
primary 'Carter, R.J.'   1 ? 
primary 'Baeyens, K.J.'  2 ? 
primary 'SantaLucia, J.' 3 ? 
primary 'Turner, D.H.'   4 ? 
primary 'Holbrook, S.R.' 5 ? 
# 
loop_
_entity.id 
_entity.type 
_entity.src_method 
_entity.pdbx_description 
_entity.formula_weight 
_entity.pdbx_number_of_molecules 
_entity.pdbx_ec 
_entity.pdbx_mutation 
_entity.pdbx_fragment 
_entity.details 
1 polymer     syn 
;RNA (5'-R(*CP*GP*CP*AP*IP*GP*CP*G)-3')
;
2565.602 1 ? ? ? ? 
2 non-polymer syn 'CALCIUM ION'                            40.078   1 ? ? ? ? 
3 water       nat water                                    18.015   6 ? ? ? ? 
# 
_entity_poly.entity_id                      1 
_entity_poly.type                           polyribonucleotide 
_entity_poly.nstd_linkage                   no 
_entity_poly.nstd_monomer                   no 
_entity_poly.pdbx_seq_one_letter_code       CGCAIGCG 
_entity_poly.pdbx_seq_one_letter_code_can   CGCAIGCG 
_entity_poly.pdbx_strand_id                 A 
_entity_poly.pdbx_target_identifier         ? 
# 
loop_
_pdbx_entity_nonpoly.entity_id 
_pdbx_entity_nonpoly.name 
_pdbx_entity_nonpoly.comp_id 
2 'CALCIUM ION' CA  
3 water         HOH 
# 
loop_
_entity_poly_seq.entity_id 
_entity_poly_seq.num 
_entity_poly_seq.mon_id 
_entity_poly_seq.hetero 
1 1 C n 
1 2 G n 
1 3 C n 
1 4 A n 
1 5 I n 
1 6 G n 
1 7 C n 
1 8 G n 
# 
loop_
_chem_comp.id 
_chem_comp.type 
_chem_comp.mon_nstd_flag 
_chem_comp.name 
_chem_comp.pdbx_synonyms 
_chem_comp.formula 
_chem_comp.formula_weight 
A   'RNA linking' y "ADENOSINE-5'-MONOPHOSPHATE" ? 'C10 H14 N5 O7 P' 347.221 
C   'RNA linking' y "CYTIDINE-5'-MONOPHOSPHATE"  ? 'C9 H14 N3 O8 P'  323.197 
CA  non-polymer   . 'CALCIUM ION'                ? 'Ca 2'            40.078  
G   'RNA linking' y "GUANOSINE-5'-MONOPHOSPHATE" ? 'C10 H14 N5 O8 P' 363.221 
HOH non-polymer   . WATER                        ? 'H2 O'            18.015  
I   'RNA linking' y 'INOSINIC ACID'              ? 'C10 H13 N4 O8 P' 348.206 
# 
loop_
_pdbx_poly_seq_scheme.asym_id 
_pdbx_poly_seq_scheme.entity_id 
_pdbx_poly_seq_scheme.seq_id 
_pdbx_poly_seq_scheme.mon_id 
_pdbx_poly_seq_scheme.ndb_seq_num 
_pdbx_poly_seq_scheme.pdb_seq_num 
_pdbx_poly_seq_scheme.auth_seq_num 
_pdbx_poly_seq_scheme.pdb_mon_id 
_pdbx_poly_seq_scheme.auth_mon_id 
_pdbx_poly_seq_scheme.pdb_strand_id 
_pdbx_poly_seq_scheme.pdb_ins_code 
_pdbx_poly_seq_scheme.hetero 
A 1 1 C 1 1 1 C C A . n 
A 1 2 G 2 2 2 G G A . n 
A 1 3 C 3 3 3 C C A . n 
A 1 4 A 4 4 4 A A A . n 
A 1 5 I 5 5 5 I I A . n 
A 1 6 G 6 6 6 G G A . n 
A 1 7 C 7 7 7 C C A . n 
A 1 8 G 8 8 8 G G A . n 
# 
loop_
_pdbx_nonpoly_scheme.asym_id 
_pdbx_nonpoly_scheme.entity_id 
_pdbx_nonpoly_scheme.mon_id 
_pdbx_nonpoly_scheme.ndb_seq_num 
_pdbx_nonpoly_scheme.pdb_seq_num 
_pdbx_nonpoly_scheme.auth_seq_num 
_pdbx_nonpoly_scheme.pdb_mon_id 
_pdbx_nonpoly_scheme.auth_mon_id 
_pdbx_nonpoly_scheme.pdb_strand_id 
_pdbx_nonpoly_scheme.pdb_ins_code 
B 2 CA  1 9  9  CA  CA  A . 
C 3 HOH 1 10 10 HOH HOH A . 
C 3 HOH 2 11 11 HOH HOH A . 
C 3 HOH 3 12 12 HOH HOH A . 
C 3 HOH 4 13 13 HOH HOH A . 
C 3 HOH 5 14 14 HOH HOH A . 
C 3 HOH 6 15 15 HOH HOH A . 
# 
loop_
_software.name 
_software.classification 
_software.version 
_software.citation_id 
_software.pdbx_ordinal 
X-PLOR 'model building' .   ? 1 
X-PLOR refinement       3.1 ? 2 
R-AXIS 'data reduction' .   ? 3 
X-PLOR phasing          .   ? 4 
# 
_cell.entry_id           333D 
_cell.length_a           39.050 
_cell.length_b           39.050 
_cell.length_c           58.850 
_cell.angle_alpha        90.00 
_cell.angle_beta         90.00 
_cell.angle_gamma        120.00 
_cell.Z_PDB              12 
_cell.pdbx_unique_axis   ? 
# 
_symmetry.entry_id                         333D 
_symmetry.space_group_name_H-M             'P 61 2 2' 
_symmetry.pdbx_full_space_group_name_H-M   ? 
_symmetry.cell_setting                     ? 
_symmetry.Int_Tables_number                178 
# 
_exptl.entry_id          333D 
_exptl.method            'X-RAY DIFFRACTION' 
_exptl.crystals_number   1 
# 
_exptl_crystal.id                    1 
_exptl_crystal.density_meas          ? 
_exptl_crystal.density_Matthews      2.52 
_exptl_crystal.density_percent_sol   49.7000 
_exptl_crystal.description           ? 
# 
_exptl_crystal_grow.crystal_id      1 
_exptl_crystal_grow.method          'VAPOR DIFFUSION, HANGING DROP' 
_exptl_crystal_grow.temp            ? 
_exptl_crystal_grow.temp_details    'ROOM TEMPERATURE' 
_exptl_crystal_grow.pH              7.50 
_exptl_crystal_grow.pdbx_details    'pH 7.50, VAPOR DIFFUSION, HANGING DROP' 
_exptl_crystal_grow.pdbx_pH_range   ? 
# 
loop_
_exptl_crystal_grow_comp.crystal_id 
_exptl_crystal_grow_comp.id 
_exptl_crystal_grow_comp.sol_id 
_exptl_crystal_grow_comp.name 
_exptl_crystal_grow_comp.volume 
_exptl_crystal_grow_comp.conc 
_exptl_crystal_grow_comp.details 
1 1 1 WATER     ? ? ? 
1 2 1 'PEG 400' ? ? ? 
1 3 1 CACL2     ? ? ? 
1 4 1 HEPES     ? ? ? 
1 5 2 WATER     ? ? ? 
1 6 2 'PEG 400' ? ? ? 
1 7 2 CACL2     ? ? ? 
1 8 2 HEPES     ? ? ? 
# 
_diffrn.id                     1 
_diffrn.ambient_temp           297.00 
_diffrn.ambient_temp_details   ? 
_diffrn.crystal_id             1 
# 
_diffrn_detector.diffrn_id              1 
_diffrn_detector.detector               'IMAGE PLATE' 
_diffrn_detector.type                   'RIGAKU RAXIS IIC' 
_diffrn_detector.pdbx_collection_date   1993-04-21 
_diffrn_detector.details                ? 
# 
_diffrn_radiation.diffrn_id                        1 
_diffrn_radiation.wavelength_id                    1 
_diffrn_radiation.pdbx_monochromatic_or_laue_m_l   M 
_diffrn_radiation.monochromator                    ? 
_diffrn_radiation.pdbx_diffrn_protocol             'SINGLE WAVELENGTH' 
_diffrn_radiation.pdbx_scattering_type             x-ray 
# 
_diffrn_radiation_wavelength.id           1 
_diffrn_radiation_wavelength.wavelength   . 
_diffrn_radiation_wavelength.wt           1.0 
# 
_diffrn_source.diffrn_id                   1 
_diffrn_source.source                      'ROTATING ANODE' 
_diffrn_source.type                        ? 
_diffrn_source.pdbx_synchrotron_site       ? 
_diffrn_source.pdbx_synchrotron_beamline   ? 
_diffrn_source.pdbx_wavelength             ? 
_diffrn_source.pdbx_wavelength_list        ? 
# 
_reflns.entry_id                     333D 
_reflns.observed_criterion_sigma_I   3.000 
_reflns.observed_criterion_sigma_F   ? 
_reflns.d_resolution_low             12.000 
_reflns.d_resolution_high            2.520 
_reflns.number_obs                   1014 
_reflns.number_all                   5952 
_reflns.percent_possible_obs         91.800 
_reflns.pdbx_Rmerge_I_obs            0.0790000 
_reflns.pdbx_Rsym_value              ? 
_reflns.pdbx_netI_over_sigmaI        ? 
_reflns.B_iso_Wilson_estimate        ? 
_reflns.pdbx_redundancy              5.900 
_reflns.pdbx_diffrn_id               1 
_reflns.pdbx_ordinal                 1 
# 
_refine.entry_id                                 333D 
_refine.ls_number_reflns_obs                     1014 
_refine.ls_number_reflns_all                     ? 
_refine.pdbx_ls_sigma_I                          ? 
_refine.pdbx_ls_sigma_F                          3.000 
_refine.pdbx_data_cutoff_high_absF               ? 
_refine.pdbx_data_cutoff_low_absF                ? 
_refine.pdbx_data_cutoff_high_rms_absF           ? 
_refine.ls_d_res_low                             12.000 
_refine.ls_d_res_high                            2.520 
_refine.ls_percent_reflns_obs                    ? 
_refine.ls_R_factor_obs                          0.2460000 
_refine.ls_R_factor_all                          ? 
_refine.ls_R_factor_R_work                       0.2460000 
_refine.ls_R_factor_R_free                       0.2660000 
_refine.ls_R_factor_R_free_error                 ? 
_refine.ls_R_factor_R_free_error_details         ? 
_refine.ls_percent_reflns_R_free                 10.00 
_refine.ls_number_reflns_R_free                  ? 
_refine.ls_number_parameters                     ? 
_refine.ls_number_restraints                     ? 
_refine.occupancy_min                            ? 
_refine.occupancy_max                            ? 
_refine.B_iso_mean                               ? 
_refine.aniso_B[1][1]                            ? 
_refine.aniso_B[2][2]                            ? 
_refine.aniso_B[3][3]                            ? 
_refine.aniso_B[1][2]                            ? 
_refine.aniso_B[1][3]                            ? 
_refine.aniso_B[2][3]                            ? 
_refine.solvent_model_details                    ? 
_refine.solvent_model_param_ksol                 ? 
_refine.solvent_model_param_bsol                 ? 
_refine.pdbx_ls_cross_valid_method               ? 
_refine.details                                  
'NUCLEIC ACID RNA-DNA PARAMETER FILE: G. PARKINSON,ET AL. (1996) ACTA CRYST. D52, 57-64' 
_refine.pdbx_starting_model                      'CGC:GCG FRAGMENT OF ARL048' 
_refine.pdbx_method_to_determine_struct          'MOLECULAR REPLACEMENT' 
_refine.pdbx_isotropic_thermal_model             ? 
_refine.pdbx_stereochemistry_target_values       ? 
_refine.pdbx_stereochem_target_val_spec_case     ? 
_refine.pdbx_R_Free_selection_details            ? 
_refine.pdbx_overall_ESU_R                       ? 
_refine.pdbx_overall_ESU_R_Free                  ? 
_refine.overall_SU_ML                            ? 
_refine.overall_SU_B                             ? 
_refine.pdbx_refine_id                           'X-RAY DIFFRACTION' 
_refine.pdbx_diffrn_id                           1 
_refine.pdbx_TLS_residual_ADP_flag               ? 
_refine.correlation_coeff_Fo_to_Fc               ? 
_refine.correlation_coeff_Fo_to_Fc_free          ? 
_refine.pdbx_solvent_vdw_probe_radii             ? 
_refine.pdbx_solvent_ion_probe_radii             ? 
_refine.pdbx_solvent_shrinkage_radii             ? 
_refine.pdbx_overall_phase_error                 ? 
_refine.overall_SU_R_Cruickshank_DPI             ? 
_refine.pdbx_overall_SU_R_free_Cruickshank_DPI   ? 
_refine.pdbx_overall_SU_R_Blow_DPI               ? 
_refine.pdbx_overall_SU_R_free_Blow_DPI          ? 
# 
_refine_hist.pdbx_refine_id                   'X-RAY DIFFRACTION' 
_refine_hist.cycle_id                         LAST 
_refine_hist.pdbx_number_atoms_protein        0 
_refine_hist.pdbx_number_atoms_nucleic_acid   170 
_refine_hist.pdbx_number_atoms_ligand         1 
_refine_hist.number_atoms_solvent             6 
_refine_hist.number_atoms_total               177 
_refine_hist.d_res_high                       2.520 
_refine_hist.d_res_low                        12.000 
# 
loop_
_refine_ls_restr.type 
_refine_ls_restr.dev_ideal 
_refine_ls_restr.dev_ideal_target 
_refine_ls_restr.weight 
_refine_ls_restr.number 
_refine_ls_restr.pdbx_refine_id 
_refine_ls_restr.pdbx_restraint_function 
x_bond_d                0.016 ? ? ? 'X-RAY DIFFRACTION' ? 
x_bond_d_na             ?     ? ? ? 'X-RAY DIFFRACTION' ? 
x_bond_d_prot           ?     ? ? ? 'X-RAY DIFFRACTION' ? 
x_angle_d               ?     ? ? ? 'X-RAY DIFFRACTION' ? 
x_angle_d_na            ?     ? ? ? 'X-RAY DIFFRACTION' ? 
x_angle_d_prot          ?     ? ? ? 'X-RAY DIFFRACTION' ? 
x_angle_deg             1.40  ? ? ? 'X-RAY DIFFRACTION' ? 
x_angle_deg_na          ?     ? ? ? 'X-RAY DIFFRACTION' ? 
x_angle_deg_prot        ?     ? ? ? 'X-RAY DIFFRACTION' ? 
x_dihedral_angle_d      11.0  ? ? ? 'X-RAY DIFFRACTION' ? 
x_dihedral_angle_d_na   ?     ? ? ? 'X-RAY DIFFRACTION' ? 
x_dihedral_angle_d_prot ?     ? ? ? 'X-RAY DIFFRACTION' ? 
x_improper_angle_d      1.39  ? ? ? 'X-RAY DIFFRACTION' ? 
x_improper_angle_d_na   ?     ? ? ? 'X-RAY DIFFRACTION' ? 
x_improper_angle_d_prot ?     ? ? ? 'X-RAY DIFFRACTION' ? 
x_mcbond_it             ?     ? ? ? 'X-RAY DIFFRACTION' ? 
x_mcangle_it            ?     ? ? ? 'X-RAY DIFFRACTION' ? 
x_scbond_it             ?     ? ? ? 'X-RAY DIFFRACTION' ? 
x_scangle_it            ?     ? ? ? 'X-RAY DIFFRACTION' ? 
# 
_pdbx_xplor_file.serial_no        1 
_pdbx_xplor_file.param_file       TOPOL_BERMAN.RNA 
_pdbx_xplor_file.topol_file       PARAM_BERMAN.RNA 
_pdbx_xplor_file.pdbx_refine_id   'X-RAY DIFFRACTION' 
# 
_struct.entry_id                  333D 
_struct.title                     'THE CRYSTAL STRUCTURE OF AN RNA OLIGOMER INCORPORATING TANDEM ADENOSINE-INOSINE MISMATCHES' 
_struct.pdbx_model_details        ? 
_struct.pdbx_CASP_flag            ? 
_struct.pdbx_model_type_details   ? 
# 
_struct_keywords.entry_id        333D 
_struct_keywords.pdbx_keywords   RNA 
_struct_keywords.text            'A-RNA, DOUBLE HELIX, INTERNAL LOOP, MISMATCHED, RNA' 
# 
loop_
_struct_asym.id 
_struct_asym.pdbx_blank_PDB_chainid_flag 
_struct_asym.pdbx_modified 
_struct_asym.entity_id 
_struct_asym.details 
A N N 1 ? 
B N N 2 ? 
C N N 3 ? 
# 
_struct_ref.id                         1 
_struct_ref.entity_id                  1 
_struct_ref.db_name                    PDB 
_struct_ref.db_code                    333D 
_struct_ref.pdbx_db_accession          333D 
_struct_ref.pdbx_db_isoform            ? 
_struct_ref.pdbx_seq_one_letter_code   ? 
_struct_ref.pdbx_align_begin           ? 
# 
_struct_ref_seq.align_id                      1 
_struct_ref_seq.ref_id                        1 
_struct_ref_seq.pdbx_PDB_id_code              333D 
_struct_ref_seq.pdbx_strand_id                A 
_struct_ref_seq.seq_align_beg                 1 
_struct_ref_seq.pdbx_seq_align_beg_ins_code   ? 
_struct_ref_seq.seq_align_end                 8 
_struct_ref_seq.pdbx_seq_align_end_ins_code   ? 
_struct_ref_seq.pdbx_db_accession             333D 
_struct_ref_seq.db_align_beg                  1 
_struct_ref_seq.pdbx_db_align_beg_ins_code    ? 
_struct_ref_seq.db_align_end                  8 
_struct_ref_seq.pdbx_db_align_end_ins_code    ? 
_struct_ref_seq.pdbx_auth_seq_align_beg       1 
_struct_ref_seq.pdbx_auth_seq_align_end       8 
# 
_pdbx_struct_assembly.id                   1 
_pdbx_struct_assembly.details              author_defined_assembly 
_pdbx_struct_assembly.method_details       ? 
_pdbx_struct_assembly.oligomeric_details   dimeric 
_pdbx_struct_assembly.oligomeric_count     2 
# 
_pdbx_struct_assembly_gen.assembly_id       1 
_pdbx_struct_assembly_gen.oper_expression   1,2 
_pdbx_struct_assembly_gen.asym_id_list      A,B,C 
# 
loop_
_pdbx_struct_oper_list.id 
_pdbx_struct_oper_list.type 
_pdbx_struct_oper_list.name 
_pdbx_struct_oper_list.symmetry_operation 
_pdbx_struct_oper_list.matrix[1][1] 
_pdbx_struct_oper_list.matrix[1][2] 
_pdbx_struct_oper_list.matrix[1][3] 
_pdbx_struct_oper_list.vector[1] 
_pdbx_struct_oper_list.matrix[2][1] 
_pdbx_struct_oper_list.matrix[2][2] 
_pdbx_struct_oper_list.matrix[2][3] 
_pdbx_struct_oper_list.vector[2] 
_pdbx_struct_oper_list.matrix[3][1] 
_pdbx_struct_oper_list.matrix[3][2] 
_pdbx_struct_oper_list.matrix[3][3] 
_pdbx_struct_oper_list.vector[3] 
1 'identity operation'         1_555  x,y,z           1.0000000000 0.0000000000  0.0000000000 0.0000000000  0.0000000000  1.0000000000  0.0000000000  0.0000000000  0.0000000000 0.0000000000  1.0000000000  0.0000000000  
2 'crystal symmetry operation' 11_655 -x+y+1,y,-z+1/2 0.1996764811 -0.8211977935 0.5345685053 -0.6049435176 -0.8211977935 -0.4378769388 -0.3659207161 -4.3032753969 0.5345685053 -0.3659207161 -0.7617995423 -5.2530287934 
# 
_struct_biol.id   1 
# 
loop_
_struct_conn.id 
_struct_conn.conn_type_id 
_struct_conn.pdbx_leaving_atom_flag 
_struct_conn.pdbx_PDB_id 
_struct_conn.ptnr1_label_asym_id 
_struct_conn.ptnr1_label_comp_id 
_struct_conn.ptnr1_label_seq_id 
_struct_conn.ptnr1_label_atom_id 
_struct_conn.pdbx_ptnr1_label_alt_id 
_struct_conn.pdbx_ptnr1_PDB_ins_code 
_struct_conn.pdbx_ptnr1_standard_comp_id 
_struct_conn.ptnr1_symmetry 
_struct_conn.ptnr2_label_asym_id 
_struct_conn.ptnr2_label_comp_id 
_struct_conn.ptnr2_label_seq_id 
_struct_conn.ptnr2_label_atom_id 
_struct_conn.pdbx_ptnr2_label_alt_id 
_struct_conn.pdbx_ptnr2_PDB_ins_code 
_struct_conn.ptnr1_auth_asym_id 
_struct_conn.ptnr1_auth_comp_id 
_struct_conn.ptnr1_auth_seq_id 
_struct_conn.ptnr2_auth_asym_id 
_struct_conn.ptnr2_auth_comp_id 
_struct_conn.ptnr2_auth_seq_id 
_struct_conn.ptnr2_symmetry 
_struct_conn.pdbx_ptnr3_label_atom_id 
_struct_conn.pdbx_ptnr3_label_seq_id 
_struct_conn.pdbx_ptnr3_label_comp_id 
_struct_conn.pdbx_ptnr3_label_asym_id 
_struct_conn.pdbx_ptnr3_label_alt_id 
_struct_conn.pdbx_ptnr3_PDB_ins_code 
_struct_conn.details 
_struct_conn.pdbx_dist_value 
_struct_conn.pdbx_value_order 
_struct_conn.pdbx_role 
metalc1  metalc ? ? A G  6 OP1   ? ? ? 1_555 B CA  . CA ? ? A G  6 A CA  9  1_555  ? ? ? ? ? ? ?            3.280 ? ? 
metalc2  metalc ? ? A G  8 "O3'" ? ? ? 5_554 B CA  . CA ? ? A G  8 A CA  9  1_555  ? ? ? ? ? ? ?            2.603 ? ? 
metalc3  metalc ? ? A G  8 "O2'" ? ? ? 5_554 B CA  . CA ? ? A G  8 A CA  9  1_555  ? ? ? ? ? ? ?            2.684 ? ? 
metalc4  metalc ? ? B CA . CA    ? ? ? 1_555 C HOH . O  ? ? A CA 9 A HOH 10 1_555  ? ? ? ? ? ? ?            2.668 ? ? 
metalc5  metalc ? ? B CA . CA    ? ? ? 1_555 C HOH . O  ? ? A CA 9 A HOH 11 1_555  ? ? ? ? ? ? ?            2.608 ? ? 
metalc6  metalc ? ? B CA . CA    ? ? ? 1_555 C HOH . O  ? ? A CA 9 A HOH 12 1_555  ? ? ? ? ? ? ?            2.671 ? ? 
metalc7  metalc ? ? B CA . CA    ? ? ? 1_555 C HOH . O  ? ? A CA 9 A HOH 13 1_555  ? ? ? ? ? ? ?            2.577 ? ? 
hydrog1  hydrog ? ? A C  1 N3    ? ? ? 1_555 A G   8 N1 ? ? A C  1 A G   8  11_655 ? ? ? ? ? ? WATSON-CRICK ?     ? ? 
hydrog2  hydrog ? ? A C  1 N4    ? ? ? 1_555 A G   8 O6 ? ? A C  1 A G   8  11_655 ? ? ? ? ? ? WATSON-CRICK ?     ? ? 
hydrog3  hydrog ? ? A C  1 O2    ? ? ? 1_555 A G   8 N2 ? ? A C  1 A G   8  11_655 ? ? ? ? ? ? WATSON-CRICK ?     ? ? 
hydrog4  hydrog ? ? A G  2 N1    ? ? ? 1_555 A C   7 N3 ? ? A G  2 A C   7  11_655 ? ? ? ? ? ? WATSON-CRICK ?     ? ? 
hydrog5  hydrog ? ? A G  2 N2    ? ? ? 1_555 A C   7 O2 ? ? A G  2 A C   7  11_655 ? ? ? ? ? ? WATSON-CRICK ?     ? ? 
hydrog6  hydrog ? ? A G  2 O6    ? ? ? 1_555 A C   7 N4 ? ? A G  2 A C   7  11_655 ? ? ? ? ? ? WATSON-CRICK ?     ? ? 
hydrog7  hydrog ? ? A C  3 N3    ? ? ? 1_555 A G   6 N1 ? ? A C  3 A G   6  11_655 ? ? ? ? ? ? WATSON-CRICK ?     ? ? 
hydrog8  hydrog ? ? A C  3 N4    ? ? ? 1_555 A G   6 O6 ? ? A C  3 A G   6  11_655 ? ? ? ? ? ? WATSON-CRICK ?     ? ? 
hydrog9  hydrog ? ? A C  3 O2    ? ? ? 1_555 A G   6 N2 ? ? A C  3 A G   6  11_655 ? ? ? ? ? ? WATSON-CRICK ?     ? ? 
hydrog10 hydrog ? ? A A  4 N1    ? ? ? 1_555 A I   5 N1 ? ? A A  4 A I   5  11_655 ? ? ? ? ? ? TYPE_8_PAIR  ?     ? ? 
hydrog11 hydrog ? ? A A  4 N6    ? ? ? 1_555 A I   5 O6 ? ? A A  4 A I   5  11_655 ? ? ? ? ? ? TYPE_8_PAIR  ?     ? ? 
hydrog12 hydrog ? ? A I  5 N1    ? ? ? 1_555 A A   4 N1 ? ? A I  5 A A   4  11_655 ? ? ? ? ? ? TYPE_8_PAIR  ?     ? ? 
hydrog13 hydrog ? ? A I  5 O6    ? ? ? 1_555 A A   4 N6 ? ? A I  5 A A   4  11_655 ? ? ? ? ? ? TYPE_8_PAIR  ?     ? ? 
hydrog14 hydrog ? ? A G  6 N1    ? ? ? 1_555 A C   3 N3 ? ? A G  6 A C   3  11_655 ? ? ? ? ? ? WATSON-CRICK ?     ? ? 
hydrog15 hydrog ? ? A G  6 N2    ? ? ? 1_555 A C   3 O2 ? ? A G  6 A C   3  11_655 ? ? ? ? ? ? WATSON-CRICK ?     ? ? 
hydrog16 hydrog ? ? A G  6 O6    ? ? ? 1_555 A C   3 N4 ? ? A G  6 A C   3  11_655 ? ? ? ? ? ? WATSON-CRICK ?     ? ? 
hydrog17 hydrog ? ? A C  7 N3    ? ? ? 1_555 A G   2 N1 ? ? A C  7 A G   2  11_655 ? ? ? ? ? ? WATSON-CRICK ?     ? ? 
hydrog18 hydrog ? ? A C  7 N4    ? ? ? 1_555 A G   2 O6 ? ? A C  7 A G   2  11_655 ? ? ? ? ? ? WATSON-CRICK ?     ? ? 
hydrog19 hydrog ? ? A C  7 O2    ? ? ? 1_555 A G   2 N2 ? ? A C  7 A G   2  11_655 ? ? ? ? ? ? WATSON-CRICK ?     ? ? 
hydrog20 hydrog ? ? A G  8 N1    ? ? ? 1_555 A C   1 N3 ? ? A G  8 A C   1  11_655 ? ? ? ? ? ? WATSON-CRICK ?     ? ? 
hydrog21 hydrog ? ? A G  8 N2    ? ? ? 1_555 A C   1 O2 ? ? A G  8 A C   1  11_655 ? ? ? ? ? ? WATSON-CRICK ?     ? ? 
hydrog22 hydrog ? ? A G  8 O6    ? ? ? 1_555 A C   1 N4 ? ? A G  8 A C   1  11_655 ? ? ? ? ? ? WATSON-CRICK ?     ? ? 
# 
loop_
_struct_conn_type.id 
_struct_conn_type.criteria 
_struct_conn_type.reference 
metalc ? ? 
hydrog ? ? 
# 
loop_
_pdbx_struct_conn_angle.id 
_pdbx_struct_conn_angle.ptnr1_label_atom_id 
_pdbx_struct_conn_angle.ptnr1_label_alt_id 
_pdbx_struct_conn_angle.ptnr1_label_asym_id 
_pdbx_struct_conn_angle.ptnr1_label_comp_id 
_pdbx_struct_conn_angle.ptnr1_label_seq_id 
_pdbx_struct_conn_angle.ptnr1_auth_atom_id 
_pdbx_struct_conn_angle.ptnr1_auth_asym_id 
_pdbx_struct_conn_angle.ptnr1_auth_comp_id 
_pdbx_struct_conn_angle.ptnr1_auth_seq_id 
_pdbx_struct_conn_angle.ptnr1_PDB_ins_code 
_pdbx_struct_conn_angle.ptnr1_symmetry 
_pdbx_struct_conn_angle.ptnr2_label_atom_id 
_pdbx_struct_conn_angle.ptnr2_label_alt_id 
_pdbx_struct_conn_angle.ptnr2_label_asym_id 
_pdbx_struct_conn_angle.ptnr2_label_comp_id 
_pdbx_struct_conn_angle.ptnr2_label_seq_id 
_pdbx_struct_conn_angle.ptnr2_auth_atom_id 
_pdbx_struct_conn_angle.ptnr2_auth_asym_id 
_pdbx_struct_conn_angle.ptnr2_auth_comp_id 
_pdbx_struct_conn_angle.ptnr2_auth_seq_id 
_pdbx_struct_conn_angle.ptnr2_PDB_ins_code 
_pdbx_struct_conn_angle.ptnr2_symmetry 
_pdbx_struct_conn_angle.ptnr3_label_atom_id 
_pdbx_struct_conn_angle.ptnr3_label_alt_id 
_pdbx_struct_conn_angle.ptnr3_label_asym_id 
_pdbx_struct_conn_angle.ptnr3_label_comp_id 
_pdbx_struct_conn_angle.ptnr3_label_seq_id 
_pdbx_struct_conn_angle.ptnr3_auth_atom_id 
_pdbx_struct_conn_angle.ptnr3_auth_asym_id 
_pdbx_struct_conn_angle.ptnr3_auth_comp_id 
_pdbx_struct_conn_angle.ptnr3_auth_seq_id 
_pdbx_struct_conn_angle.ptnr3_PDB_ins_code 
_pdbx_struct_conn_angle.ptnr3_symmetry 
_pdbx_struct_conn_angle.value 
_pdbx_struct_conn_angle.value_esd 
1  OP1   ? A G   6 ? A G   6  ? 1_555 CA ? B CA . ? A CA 9 ? 1_555 "O3'" ? A G   8 ? A G   8  ? 5_554 128.2 ? 
2  OP1   ? A G   6 ? A G   6  ? 1_555 CA ? B CA . ? A CA 9 ? 1_555 "O2'" ? A G   8 ? A G   8  ? 5_554 69.0  ? 
3  "O3'" ? A G   8 ? A G   8  ? 5_554 CA ? B CA . ? A CA 9 ? 1_555 "O2'" ? A G   8 ? A G   8  ? 5_554 60.3  ? 
4  OP1   ? A G   6 ? A G   6  ? 1_555 CA ? B CA . ? A CA 9 ? 1_555 O     ? C HOH . ? A HOH 10 ? 1_555 50.6  ? 
5  "O3'" ? A G   8 ? A G   8  ? 5_554 CA ? B CA . ? A CA 9 ? 1_555 O     ? C HOH . ? A HOH 10 ? 1_555 124.4 ? 
6  "O2'" ? A G   8 ? A G   8  ? 5_554 CA ? B CA . ? A CA 9 ? 1_555 O     ? C HOH . ? A HOH 10 ? 1_555 80.3  ? 
7  OP1   ? A G   6 ? A G   6  ? 1_555 CA ? B CA . ? A CA 9 ? 1_555 O     ? C HOH . ? A HOH 11 ? 1_555 63.9  ? 
8  "O3'" ? A G   8 ? A G   8  ? 5_554 CA ? B CA . ? A CA 9 ? 1_555 O     ? C HOH . ? A HOH 11 ? 1_555 91.5  ? 
9  "O2'" ? A G   8 ? A G   8  ? 5_554 CA ? B CA . ? A CA 9 ? 1_555 O     ? C HOH . ? A HOH 11 ? 1_555 73.5  ? 
10 O     ? C HOH . ? A HOH 10 ? 1_555 CA ? B CA . ? A CA 9 ? 1_555 O     ? C HOH . ? A HOH 11 ? 1_555 114.3 ? 
11 OP1   ? A G   6 ? A G   6  ? 1_555 CA ? B CA . ? A CA 9 ? 1_555 O     ? C HOH . ? A HOH 12 ? 1_555 173.4 ? 
12 "O3'" ? A G   8 ? A G   8  ? 5_554 CA ? B CA . ? A CA 9 ? 1_555 O     ? C HOH . ? A HOH 12 ? 1_555 52.6  ? 
13 "O2'" ? A G   8 ? A G   8  ? 5_554 CA ? B CA . ? A CA 9 ? 1_555 O     ? C HOH . ? A HOH 12 ? 1_555 110.1 ? 
14 O     ? C HOH . ? A HOH 10 ? 1_555 CA ? B CA . ? A CA 9 ? 1_555 O     ? C HOH . ? A HOH 12 ? 1_555 123.0 ? 
15 O     ? C HOH . ? A HOH 11 ? 1_555 CA ? B CA . ? A CA 9 ? 1_555 O     ? C HOH . ? A HOH 12 ? 1_555 122.4 ? 
16 OP1   ? A G   6 ? A G   6  ? 1_555 CA ? B CA . ? A CA 9 ? 1_555 O     ? C HOH . ? A HOH 13 ? 1_555 110.8 ? 
17 "O3'" ? A G   8 ? A G   8  ? 5_554 CA ? B CA . ? A CA 9 ? 1_555 O     ? C HOH . ? A HOH 13 ? 1_555 60.8  ? 
18 "O2'" ? A G   8 ? A G   8  ? 5_554 CA ? B CA . ? A CA 9 ? 1_555 O     ? C HOH . ? A HOH 13 ? 1_555 69.5  ? 
19 O     ? C HOH . ? A HOH 10 ? 1_555 CA ? B CA . ? A CA 9 ? 1_555 O     ? C HOH . ? A HOH 13 ? 1_555 69.9  ? 
20 O     ? C HOH . ? A HOH 11 ? 1_555 CA ? B CA . ? A CA 9 ? 1_555 O     ? C HOH . ? A HOH 13 ? 1_555 141.4 ? 
21 O     ? C HOH . ? A HOH 12 ? 1_555 CA ? B CA . ? A CA 9 ? 1_555 O     ? C HOH . ? A HOH 13 ? 1_555 63.3  ? 
# 
_struct_site.id                   AC1 
_struct_site.pdbx_evidence_code   Software 
_struct_site.pdbx_auth_asym_id    A 
_struct_site.pdbx_auth_comp_id    CA 
_struct_site.pdbx_auth_seq_id     9 
_struct_site.pdbx_auth_ins_code   ? 
_struct_site.pdbx_num_residues    6 
_struct_site.details              'BINDING SITE FOR RESIDUE CA A 9' 
# 
loop_
_struct_site_gen.id 
_struct_site_gen.site_id 
_struct_site_gen.pdbx_num_res 
_struct_site_gen.label_comp_id 
_struct_site_gen.label_asym_id 
_struct_site_gen.label_seq_id 
_struct_site_gen.pdbx_auth_ins_code 
_struct_site_gen.auth_comp_id 
_struct_site_gen.auth_asym_id 
_struct_site_gen.auth_seq_id 
_struct_site_gen.label_atom_id 
_struct_site_gen.label_alt_id 
_struct_site_gen.symmetry 
_struct_site_gen.details 
1 AC1 6 G   A 6 ? G   A 6  . ? 1_555 ? 
2 AC1 6 G   A 8 ? G   A 8  . ? 5_554 ? 
3 AC1 6 HOH C . ? HOH A 10 . ? 1_555 ? 
4 AC1 6 HOH C . ? HOH A 11 . ? 1_555 ? 
5 AC1 6 HOH C . ? HOH A 12 . ? 1_555 ? 
6 AC1 6 HOH C . ? HOH A 13 . ? 1_555 ? 
# 
_pdbx_validate_rmsd_angle.id                         1 
_pdbx_validate_rmsd_angle.PDB_model_num              1 
_pdbx_validate_rmsd_angle.auth_atom_id_1             "O3'" 
_pdbx_validate_rmsd_angle.auth_asym_id_1             A 
_pdbx_validate_rmsd_angle.auth_comp_id_1             C 
_pdbx_validate_rmsd_angle.auth_seq_id_1              3 
_pdbx_validate_rmsd_angle.PDB_ins_code_1             ? 
_pdbx_validate_rmsd_angle.label_alt_id_1             ? 
_pdbx_validate_rmsd_angle.auth_atom_id_2             P 
_pdbx_validate_rmsd_angle.auth_asym_id_2             A 
_pdbx_validate_rmsd_angle.auth_comp_id_2             A 
_pdbx_validate_rmsd_angle.auth_seq_id_2              4 
_pdbx_validate_rmsd_angle.PDB_ins_code_2             ? 
_pdbx_validate_rmsd_angle.label_alt_id_2             ? 
_pdbx_validate_rmsd_angle.auth_atom_id_3             OP2 
_pdbx_validate_rmsd_angle.auth_asym_id_3             A 
_pdbx_validate_rmsd_angle.auth_comp_id_3             A 
_pdbx_validate_rmsd_angle.auth_seq_id_3              4 
_pdbx_validate_rmsd_angle.PDB_ins_code_3             ? 
_pdbx_validate_rmsd_angle.label_alt_id_3             ? 
_pdbx_validate_rmsd_angle.angle_value                117.97 
_pdbx_validate_rmsd_angle.angle_target_value         110.50 
_pdbx_validate_rmsd_angle.angle_deviation            7.47 
_pdbx_validate_rmsd_angle.angle_standard_deviation   1.10 
_pdbx_validate_rmsd_angle.linker_flag                Y 
# 
_pdbx_struct_special_symmetry.id              1 
_pdbx_struct_special_symmetry.PDB_model_num   1 
_pdbx_struct_special_symmetry.auth_asym_id    A 
_pdbx_struct_special_symmetry.auth_comp_id    HOH 
_pdbx_struct_special_symmetry.auth_seq_id     14 
_pdbx_struct_special_symmetry.PDB_ins_code    ? 
_pdbx_struct_special_symmetry.label_asym_id   C 
_pdbx_struct_special_symmetry.label_comp_id   HOH 
_pdbx_struct_special_symmetry.label_seq_id    . 
# 
loop_
_refine_B_iso.class 
_refine_B_iso.details 
_refine_B_iso.treatment 
_refine_B_iso.pdbx_refine_id 
'ALL ATOMS'  TR isotropic 'X-RAY DIFFRACTION' 
'ALL WATERS' TR isotropic 'X-RAY DIFFRACTION' 
# 
loop_
_refine_occupancy.class 
_refine_occupancy.treatment 
_refine_occupancy.pdbx_refine_id 
'ALL ATOMS'  fix 'X-RAY DIFFRACTION' 
'ALL WATERS' fix 'X-RAY DIFFRACTION' 
# 
loop_
_chem_comp_atom.comp_id 
_chem_comp_atom.atom_id 
_chem_comp_atom.type_symbol 
_chem_comp_atom.pdbx_aromatic_flag 
_chem_comp_atom.pdbx_stereo_config 
_chem_comp_atom.pdbx_ordinal 
A   OP3    O  N N 1   
A   P      P  N N 2   
A   OP1    O  N N 3   
A   OP2    O  N N 4   
A   "O5'"  O  N N 5   
A   "C5'"  C  N N 6   
A   "C4'"  C  N R 7   
A   "O4'"  O  N N 8   
A   "C3'"  C  N S 9   
A   "O3'"  O  N N 10  
A   "C2'"  C  N R 11  
A   "O2'"  O  N N 12  
A   "C1'"  C  N R 13  
A   N9     N  Y N 14  
A   C8     C  Y N 15  
A   N7     N  Y N 16  
A   C5     C  Y N 17  
A   C6     C  Y N 18  
A   N6     N  N N 19  
A   N1     N  Y N 20  
A   C2     C  Y N 21  
A   N3     N  Y N 22  
A   C4     C  Y N 23  
A   HOP3   H  N N 24  
A   HOP2   H  N N 25  
A   "H5'"  H  N N 26  
A   "H5''" H  N N 27  
A   "H4'"  H  N N 28  
A   "H3'"  H  N N 29  
A   "HO3'" H  N N 30  
A   "H2'"  H  N N 31  
A   "HO2'" H  N N 32  
A   "H1'"  H  N N 33  
A   H8     H  N N 34  
A   H61    H  N N 35  
A   H62    H  N N 36  
A   H2     H  N N 37  
C   OP3    O  N N 38  
C   P      P  N N 39  
C   OP1    O  N N 40  
C   OP2    O  N N 41  
C   "O5'"  O  N N 42  
C   "C5'"  C  N N 43  
C   "C4'"  C  N R 44  
C   "O4'"  O  N N 45  
C   "C3'"  C  N S 46  
C   "O3'"  O  N N 47  
C   "C2'"  C  N R 48  
C   "O2'"  O  N N 49  
C   "C1'"  C  N R 50  
C   N1     N  N N 51  
C   C2     C  N N 52  
C   O2     O  N N 53  
C   N3     N  N N 54  
C   C4     C  N N 55  
C   N4     N  N N 56  
C   C5     C  N N 57  
C   C6     C  N N 58  
C   HOP3   H  N N 59  
C   HOP2   H  N N 60  
C   "H5'"  H  N N 61  
C   "H5''" H  N N 62  
C   "H4'"  H  N N 63  
C   "H3'"  H  N N 64  
C   "HO3'" H  N N 65  
C   "H2'"  H  N N 66  
C   "HO2'" H  N N 67  
C   "H1'"  H  N N 68  
C   H41    H  N N 69  
C   H42    H  N N 70  
C   H5     H  N N 71  
C   H6     H  N N 72  
CA  CA     CA N N 73  
G   OP3    O  N N 74  
G   P      P  N N 75  
G   OP1    O  N N 76  
G   OP2    O  N N 77  
G   "O5'"  O  N N 78  
G   "C5'"  C  N N 79  
G   "C4'"  C  N R 80  
G   "O4'"  O  N N 81  
G   "C3'"  C  N S 82  
G   "O3'"  O  N N 83  
G   "C2'"  C  N R 84  
G   "O2'"  O  N N 85  
G   "C1'"  C  N R 86  
G   N9     N  Y N 87  
G   C8     C  Y N 88  
G   N7     N  Y N 89  
G   C5     C  Y N 90  
G   C6     C  N N 91  
G   O6     O  N N 92  
G   N1     N  N N 93  
G   C2     C  N N 94  
G   N2     N  N N 95  
G   N3     N  N N 96  
G   C4     C  Y N 97  
G   HOP3   H  N N 98  
G   HOP2   H  N N 99  
G   "H5'"  H  N N 100 
G   "H5''" H  N N 101 
G   "H4'"  H  N N 102 
G   "H3'"  H  N N 103 
G   "HO3'" H  N N 104 
G   "H2'"  H  N N 105 
G   "HO2'" H  N N 106 
G   "H1'"  H  N N 107 
G   H8     H  N N 108 
G   H1     H  N N 109 
G   H21    H  N N 110 
G   H22    H  N N 111 
HOH O      O  N N 112 
HOH H1     H  N N 113 
HOH H2     H  N N 114 
I   OP3    O  N N 115 
I   P      P  N N 116 
I   OP1    O  N N 117 
I   OP2    O  N N 118 
I   "O5'"  O  N N 119 
I   "C5'"  C  N N 120 
I   "C4'"  C  N R 121 
I   "O4'"  O  N N 122 
I   "C3'"  C  N S 123 
I   "O3'"  O  N N 124 
I   "C2'"  C  N R 125 
I   "O2'"  O  N N 126 
I   "C1'"  C  N R 127 
I   N9     N  Y N 128 
I   C8     C  Y N 129 
I   N7     N  Y N 130 
I   C5     C  Y N 131 
I   C6     C  N N 132 
I   O6     O  N N 133 
I   N1     N  N N 134 
I   C2     C  N N 135 
I   N3     N  N N 136 
I   C4     C  Y N 137 
I   HOP3   H  N N 138 
I   HOP2   H  N N 139 
I   "H5'"  H  N N 140 
I   "H5''" H  N N 141 
I   "H4'"  H  N N 142 
I   "H3'"  H  N N 143 
I   "HO3'" H  N N 144 
I   "H2'"  H  N N 145 
I   "HO2'" H  N N 146 
I   "H1'"  H  N N 147 
I   H8     H  N N 148 
I   H1     H  N N 149 
I   H2     H  N N 150 
# 
loop_
_chem_comp_bond.comp_id 
_chem_comp_bond.atom_id_1 
_chem_comp_bond.atom_id_2 
_chem_comp_bond.value_order 
_chem_comp_bond.pdbx_aromatic_flag 
_chem_comp_bond.pdbx_stereo_config 
_chem_comp_bond.pdbx_ordinal 
A   OP3   P      sing N N 1   
A   OP3   HOP3   sing N N 2   
A   P     OP1    doub N N 3   
A   P     OP2    sing N N 4   
A   P     "O5'"  sing N N 5   
A   OP2   HOP2   sing N N 6   
A   "O5'" "C5'"  sing N N 7   
A   "C5'" "C4'"  sing N N 8   
A   "C5'" "H5'"  sing N N 9   
A   "C5'" "H5''" sing N N 10  
A   "C4'" "O4'"  sing N N 11  
A   "C4'" "C3'"  sing N N 12  
A   "C4'" "H4'"  sing N N 13  
A   "O4'" "C1'"  sing N N 14  
A   "C3'" "O3'"  sing N N 15  
A   "C3'" "C2'"  sing N N 16  
A   "C3'" "H3'"  sing N N 17  
A   "O3'" "HO3'" sing N N 18  
A   "C2'" "O2'"  sing N N 19  
A   "C2'" "C1'"  sing N N 20  
A   "C2'" "H2'"  sing N N 21  
A   "O2'" "HO2'" sing N N 22  
A   "C1'" N9     sing N N 23  
A   "C1'" "H1'"  sing N N 24  
A   N9    C8     sing Y N 25  
A   N9    C4     sing Y N 26  
A   C8    N7     doub Y N 27  
A   C8    H8     sing N N 28  
A   N7    C5     sing Y N 29  
A   C5    C6     sing Y N 30  
A   C5    C4     doub Y N 31  
A   C6    N6     sing N N 32  
A   C6    N1     doub Y N 33  
A   N6    H61    sing N N 34  
A   N6    H62    sing N N 35  
A   N1    C2     sing Y N 36  
A   C2    N3     doub Y N 37  
A   C2    H2     sing N N 38  
A   N3    C4     sing Y N 39  
C   OP3   P      sing N N 40  
C   OP3   HOP3   sing N N 41  
C   P     OP1    doub N N 42  
C   P     OP2    sing N N 43  
C   P     "O5'"  sing N N 44  
C   OP2   HOP2   sing N N 45  
C   "O5'" "C5'"  sing N N 46  
C   "C5'" "C4'"  sing N N 47  
C   "C5'" "H5'"  sing N N 48  
C   "C5'" "H5''" sing N N 49  
C   "C4'" "O4'"  sing N N 50  
C   "C4'" "C3'"  sing N N 51  
C   "C4'" "H4'"  sing N N 52  
C   "O4'" "C1'"  sing N N 53  
C   "C3'" "O3'"  sing N N 54  
C   "C3'" "C2'"  sing N N 55  
C   "C3'" "H3'"  sing N N 56  
C   "O3'" "HO3'" sing N N 57  
C   "C2'" "O2'"  sing N N 58  
C   "C2'" "C1'"  sing N N 59  
C   "C2'" "H2'"  sing N N 60  
C   "O2'" "HO2'" sing N N 61  
C   "C1'" N1     sing N N 62  
C   "C1'" "H1'"  sing N N 63  
C   N1    C2     sing N N 64  
C   N1    C6     sing N N 65  
C   C2    O2     doub N N 66  
C   C2    N3     sing N N 67  
C   N3    C4     doub N N 68  
C   C4    N4     sing N N 69  
C   C4    C5     sing N N 70  
C   N4    H41    sing N N 71  
C   N4    H42    sing N N 72  
C   C5    C6     doub N N 73  
C   C5    H5     sing N N 74  
C   C6    H6     sing N N 75  
G   OP3   P      sing N N 76  
G   OP3   HOP3   sing N N 77  
G   P     OP1    doub N N 78  
G   P     OP2    sing N N 79  
G   P     "O5'"  sing N N 80  
G   OP2   HOP2   sing N N 81  
G   "O5'" "C5'"  sing N N 82  
G   "C5'" "C4'"  sing N N 83  
G   "C5'" "H5'"  sing N N 84  
G   "C5'" "H5''" sing N N 85  
G   "C4'" "O4'"  sing N N 86  
G   "C4'" "C3'"  sing N N 87  
G   "C4'" "H4'"  sing N N 88  
G   "O4'" "C1'"  sing N N 89  
G   "C3'" "O3'"  sing N N 90  
G   "C3'" "C2'"  sing N N 91  
G   "C3'" "H3'"  sing N N 92  
G   "O3'" "HO3'" sing N N 93  
G   "C2'" "O2'"  sing N N 94  
G   "C2'" "C1'"  sing N N 95  
G   "C2'" "H2'"  sing N N 96  
G   "O2'" "HO2'" sing N N 97  
G   "C1'" N9     sing N N 98  
G   "C1'" "H1'"  sing N N 99  
G   N9    C8     sing Y N 100 
G   N9    C4     sing Y N 101 
G   C8    N7     doub Y N 102 
G   C8    H8     sing N N 103 
G   N7    C5     sing Y N 104 
G   C5    C6     sing N N 105 
G   C5    C4     doub Y N 106 
G   C6    O6     doub N N 107 
G   C6    N1     sing N N 108 
G   N1    C2     sing N N 109 
G   N1    H1     sing N N 110 
G   C2    N2     sing N N 111 
G   C2    N3     doub N N 112 
G   N2    H21    sing N N 113 
G   N2    H22    sing N N 114 
G   N3    C4     sing N N 115 
HOH O     H1     sing N N 116 
HOH O     H2     sing N N 117 
I   OP3   P      sing N N 118 
I   OP3   HOP3   sing N N 119 
I   P     OP1    doub N N 120 
I   P     OP2    sing N N 121 
I   P     "O5'"  sing N N 122 
I   OP2   HOP2   sing N N 123 
I   "O5'" "C5'"  sing N N 124 
I   "C5'" "C4'"  sing N N 125 
I   "C5'" "H5'"  sing N N 126 
I   "C5'" "H5''" sing N N 127 
I   "C4'" "O4'"  sing N N 128 
I   "C4'" "C3'"  sing N N 129 
I   "C4'" "H4'"  sing N N 130 
I   "O4'" "C1'"  sing N N 131 
I   "C3'" "O3'"  sing N N 132 
I   "C3'" "C2'"  sing N N 133 
I   "C3'" "H3'"  sing N N 134 
I   "O3'" "HO3'" sing N N 135 
I   "C2'" "O2'"  sing N N 136 
I   "C2'" "C1'"  sing N N 137 
I   "C2'" "H2'"  sing N N 138 
I   "O2'" "HO2'" sing N N 139 
I   "C1'" N9     sing N N 140 
I   "C1'" "H1'"  sing N N 141 
I   N9    C8     sing Y N 142 
I   N9    C4     sing Y N 143 
I   C8    N7     doub Y N 144 
I   C8    H8     sing N N 145 
I   N7    C5     sing Y N 146 
I   C5    C6     sing N N 147 
I   C5    C4     doub Y N 148 
I   C6    O6     doub N N 149 
I   C6    N1     sing N N 150 
I   N1    C2     sing N N 151 
I   N1    H1     sing N N 152 
I   C2    N3     doub N N 153 
I   C2    H2     sing N N 154 
I   N3    C4     sing N N 155 
# 
loop_
_ndb_struct_conf_na.entry_id 
_ndb_struct_conf_na.feature 
333D 'a-form double helix'  
333D 'mismatched base pair' 
# 
loop_
_ndb_struct_na_base_pair.model_number 
_ndb_struct_na_base_pair.i_label_asym_id 
_ndb_struct_na_base_pair.i_label_comp_id 
_ndb_struct_na_base_pair.i_label_seq_id 
_ndb_struct_na_base_pair.i_symmetry 
_ndb_struct_na_base_pair.j_label_asym_id 
_ndb_struct_na_base_pair.j_label_comp_id 
_ndb_struct_na_base_pair.j_label_seq_id 
_ndb_struct_na_base_pair.j_symmetry 
_ndb_struct_na_base_pair.shear 
_ndb_struct_na_base_pair.stretch 
_ndb_struct_na_base_pair.stagger 
_ndb_struct_na_base_pair.buckle 
_ndb_struct_na_base_pair.propeller 
_ndb_struct_na_base_pair.opening 
_ndb_struct_na_base_pair.pair_number 
_ndb_struct_na_base_pair.pair_name 
_ndb_struct_na_base_pair.i_auth_asym_id 
_ndb_struct_na_base_pair.i_auth_seq_id 
_ndb_struct_na_base_pair.i_PDB_ins_code 
_ndb_struct_na_base_pair.j_auth_asym_id 
_ndb_struct_na_base_pair.j_auth_seq_id 
_ndb_struct_na_base_pair.j_PDB_ins_code 
_ndb_struct_na_base_pair.hbond_type_28 
_ndb_struct_na_base_pair.hbond_type_12 
1 A C 1 1_555 A G 8 11_655 0.380  -0.429 0.502 7.233  -1.804  -4.454 1 A_C1:G8_A A 1 ? A 8 ? 19 1 
1 A G 2 1_555 A C 7 11_655 -0.253 -0.522 0.686 -0.318 -13.423 -7.548 2 A_G2:C7_A A 2 ? A 7 ? 19 1 
1 A C 3 1_555 A G 6 11_655 -0.332 -0.020 0.346 -0.152 -7.584  -2.523 3 A_C3:G6_A A 3 ? A 6 ? 19 1 
1 A A 4 1_555 A I 5 11_655 -0.411 1.697  0.243 -3.619 -6.393  -3.987 4 A_A4:I5_A A 4 ? A 5 ? 8  ? 
1 A I 5 1_555 A A 4 11_655 0.411  1.697  0.243 3.619  -6.393  -3.987 5 A_I5:A4_A A 5 ? A 4 ? 8  ? 
1 A G 6 1_555 A C 3 11_655 0.332  -0.020 0.346 0.152  -7.584  -2.523 6 A_G6:C3_A A 6 ? A 3 ? 19 1 
1 A C 7 1_555 A G 2 11_655 0.253  -0.522 0.686 0.318  -13.423 -7.548 7 A_C7:G2_A A 7 ? A 2 ? 19 1 
1 A G 8 1_555 A C 1 11_655 -0.380 -0.429 0.502 -7.233 -1.804  -4.454 8 A_G8:C1_A A 8 ? A 1 ? 19 1 
# 
loop_
_ndb_struct_na_base_pair_step.model_number 
_ndb_struct_na_base_pair_step.i_label_asym_id_1 
_ndb_struct_na_base_pair_step.i_label_comp_id_1 
_ndb_struct_na_base_pair_step.i_label_seq_id_1 
_ndb_struct_na_base_pair_step.i_symmetry_1 
_ndb_struct_na_base_pair_step.j_label_asym_id_1 
_ndb_struct_na_base_pair_step.j_label_comp_id_1 
_ndb_struct_na_base_pair_step.j_label_seq_id_1 
_ndb_struct_na_base_pair_step.j_symmetry_1 
_ndb_struct_na_base_pair_step.i_label_asym_id_2 
_ndb_struct_na_base_pair_step.i_label_comp_id_2 
_ndb_struct_na_base_pair_step.i_label_seq_id_2 
_ndb_struct_na_base_pair_step.i_symmetry_2 
_ndb_struct_na_base_pair_step.j_label_asym_id_2 
_ndb_struct_na_base_pair_step.j_label_comp_id_2 
_ndb_struct_na_base_pair_step.j_label_seq_id_2 
_ndb_struct_na_base_pair_step.j_symmetry_2 
_ndb_struct_na_base_pair_step.shift 
_ndb_struct_na_base_pair_step.slide 
_ndb_struct_na_base_pair_step.rise 
_ndb_struct_na_base_pair_step.tilt 
_ndb_struct_na_base_pair_step.roll 
_ndb_struct_na_base_pair_step.twist 
_ndb_struct_na_base_pair_step.x_displacement 
_ndb_struct_na_base_pair_step.y_displacement 
_ndb_struct_na_base_pair_step.helical_rise 
_ndb_struct_na_base_pair_step.inclination 
_ndb_struct_na_base_pair_step.tip 
_ndb_struct_na_base_pair_step.helical_twist 
_ndb_struct_na_base_pair_step.step_number 
_ndb_struct_na_base_pair_step.step_name 
_ndb_struct_na_base_pair_step.i_auth_asym_id_1 
_ndb_struct_na_base_pair_step.i_auth_seq_id_1 
_ndb_struct_na_base_pair_step.i_PDB_ins_code_1 
_ndb_struct_na_base_pair_step.j_auth_asym_id_1 
_ndb_struct_na_base_pair_step.j_auth_seq_id_1 
_ndb_struct_na_base_pair_step.j_PDB_ins_code_1 
_ndb_struct_na_base_pair_step.i_auth_asym_id_2 
_ndb_struct_na_base_pair_step.i_auth_seq_id_2 
_ndb_struct_na_base_pair_step.i_PDB_ins_code_2 
_ndb_struct_na_base_pair_step.j_auth_asym_id_2 
_ndb_struct_na_base_pair_step.j_auth_seq_id_2 
_ndb_struct_na_base_pair_step.j_PDB_ins_code_2 
1 A C 1 1_555 A G 8 11_655 A G 2 1_555 A C 7 11_655 -0.430 -1.987 3.416 -1.681 -0.840 31.352 -3.505 0.461  3.485 -1.553 3.108   
31.406 1 AA_C1G2:C7G8_AA A 1 ? A 8 ? A 2 ? A 7 ? 
1 A G 2 1_555 A C 7 11_655 A C 3 1_555 A G 6 11_655 0.000  -2.556 3.041 4.581  2.407  34.397 -4.608 0.632  2.838 4.042  -7.692  
34.772 2 AA_G2C3:G6C7_AA A 2 ? A 7 ? A 3 ? A 6 ? 
1 A C 3 1_555 A G 6 11_655 A A 4 1_555 A I 5 11_655 0.001  -1.469 3.293 9.013  14.468 30.817 -4.419 1.234  2.310 24.974 -15.558 
35.117 3 AA_C3A4:I5G6_AA A 3 ? A 6 ? A 4 ? A 5 ? 
1 A A 4 1_555 A I 5 11_655 A I 5 1_555 A A 4 11_655 0.000  -1.649 2.828 0.000  14.616 24.649 -5.765 0.000  1.614 30.999 0.000   
28.598 4 AA_A4I5:A4I5_AA A 4 ? A 5 ? A 5 ? A 4 ? 
1 A I 5 1_555 A A 4 11_655 A G 6 1_555 A C 3 11_655 -0.001 -1.469 3.293 -9.013 14.468 30.817 -4.419 -1.234 2.310 24.974 15.558  
35.117 5 AA_I5G6:C3A4_AA A 5 ? A 4 ? A 6 ? A 3 ? 
1 A G 6 1_555 A C 3 11_655 A C 7 1_555 A G 2 11_655 0.000  -2.556 3.041 -4.581 2.407  34.397 -4.608 -0.632 2.838 4.042  7.692   
34.772 6 AA_G6C7:G2C3_AA A 6 ? A 3 ? A 7 ? A 2 ? 
1 A C 7 1_555 A G 2 11_655 A G 8 1_555 A C 1 11_655 0.430  -1.987 3.416 1.681  -0.840 31.352 -3.505 -0.461 3.485 -1.553 -3.108  
31.406 7 AA_C7G8:C1G2_AA A 7 ? A 2 ? A 8 ? A 1 ? 
# 
_pdbx_initial_refinement_model.accession_code   157D 
_pdbx_initial_refinement_model.id               1 
_pdbx_initial_refinement_model.entity_id_list   ? 
_pdbx_initial_refinement_model.type             'experimental model' 
_pdbx_initial_refinement_model.source_name      PDB 
_pdbx_initial_refinement_model.details          'CGC:GCG FRAGMENT OF ARL048' 
# 
_atom_sites.entry_id                    333D 
_atom_sites.fract_transf_matrix[1][1]   0.02688806 
_atom_sites.fract_transf_matrix[1][2]   0.00376712 
_atom_sites.fract_transf_matrix[1][3]   -0.01171353 
_atom_sites.fract_transf_matrix[2][1]   0.02290174 
_atom_sites.fract_transf_matrix[2][2]   -0.01567661 
_atom_sites.fract_transf_matrix[2][3]   0.01020487 
_atom_sites.fract_transf_matrix[3][1]   -0.00325792 
_atom_sites.fract_transf_matrix[3][2]   -0.01217691 
_atom_sites.fract_transf_matrix[3][3]   -0.01139460 
_atom_sites.fract_transf_vector[1]      0.642230 
_atom_sites.fract_transf_vector[2]      0.313523 
_atom_sites.fract_transf_vector[3]      0.192881 
# 
loop_
_atom_type.symbol 
C  
CA 
N  
O  
P  
# 
loop_
_atom_site.group_PDB 
_atom_site.id 
_atom_site.type_symbol 
_atom_site.label_atom_id 
_atom_site.label_alt_id 
_atom_site.label_comp_id 
_atom_site.label_asym_id 
_atom_site.label_entity_id 
_atom_site.label_seq_id 
_atom_site.pdbx_PDB_ins_code 
_atom_site.Cartn_x 
_atom_site.Cartn_y 
_atom_site.Cartn_z 
_atom_site.occupancy 
_atom_site.B_iso_or_equiv 
_atom_site.pdbx_formal_charge 
_atom_site.auth_seq_id 
_atom_site.auth_comp_id 
_atom_site.auth_asym_id 
_atom_site.auth_atom_id 
_atom_site.pdbx_PDB_model_num 
ATOM   1   O  "O5'" . C   A 1 1 ? 9.548   -8.813 -3.942 1.00 17.20 ? 1  C   A "O5'" 1 
ATOM   2   C  "C5'" . C   A 1 1 ? 10.894  -8.564 -3.480 1.00 46.81 ? 1  C   A "C5'" 1 
ATOM   3   C  "C4'" . C   A 1 1 ? 11.525  -7.299 -4.011 1.00 18.14 ? 1  C   A "C4'" 1 
ATOM   4   O  "O4'" . C   A 1 1 ? 11.565  -7.350 -5.455 1.00 18.14 ? 1  C   A "O4'" 1 
ATOM   5   C  "C3'" . C   A 1 1 ? 10.812  -6.015 -3.696 1.00 18.14 ? 1  C   A "C3'" 1 
ATOM   6   O  "O3'" . C   A 1 1 ? 11.166  -5.617 -2.373 1.00 46.81 ? 1  C   A "O3'" 1 
ATOM   7   C  "C2'" . C   A 1 1 ? 11.342  -5.110 -4.814 1.00 18.14 ? 1  C   A "C2'" 1 
ATOM   8   O  "O2'" . C   A 1 1 ? 12.694  -4.763 -4.734 1.00 17.20 ? 1  C   A "O2'" 1 
ATOM   9   C  "C1'" . C   A 1 1 ? 11.323  -6.072 -5.987 1.00 18.14 ? 1  C   A "C1'" 1 
ATOM   10  N  N1    . C   A 1 1 ? 10.051  -6.078 -6.709 1.00 17.20 ? 1  C   A N1    1 
ATOM   11  C  C2    . C   A 1 1 ? 9.713   -4.956 -7.446 1.00 17.20 ? 1  C   A C2    1 
ATOM   12  O  O2    . C   A 1 1 ? 10.494  -3.991 -7.425 1.00 17.20 ? 1  C   A O2    1 
ATOM   13  N  N3    . C   A 1 1 ? 8.558   -4.936 -8.156 1.00 17.20 ? 1  C   A N3    1 
ATOM   14  C  C4    . C   A 1 1 ? 7.749   -5.986 -8.113 1.00 17.20 ? 1  C   A C4    1 
ATOM   15  N  N4    . C   A 1 1 ? 6.630   -5.930 -8.794 1.00 17.20 ? 1  C   A N4    1 
ATOM   16  C  C5    . C   A 1 1 ? 8.060   -7.137 -7.354 1.00 17.20 ? 1  C   A C5    1 
ATOM   17  C  C6    . C   A 1 1 ? 9.209   -7.145 -6.678 1.00 17.20 ? 1  C   A C6    1 
ATOM   18  P  P     . G   A 1 2 ? 10.144  -4.672 -1.454 1.00 28.67 ? 2  G   A P     1 
ATOM   19  O  OP1   . G   A 1 2 ? 10.847  -4.622 -0.122 1.00 28.67 ? 2  G   A OP1   1 
ATOM   20  O  OP2   . G   A 1 2 ? 8.734   -5.169 -1.515 1.00 28.67 ? 2  G   A OP2   1 
ATOM   21  O  "O5'" . G   A 1 2 ? 10.217  -3.234 -2.177 1.00 22.76 ? 2  G   A "O5'" 1 
ATOM   22  C  "C5'" . G   A 1 2 ? 11.420  -2.478 -2.178 1.00 28.67 ? 2  G   A "C5'" 1 
ATOM   23  C  "C4'" . G   A 1 2 ? 11.328  -1.281 -3.122 1.00 16.70 ? 2  G   A "C4'" 1 
ATOM   24  O  "O4'" . G   A 1 2 ? 11.187  -1.740 -4.472 1.00 16.70 ? 2  G   A "O4'" 1 
ATOM   25  C  "C3'" . G   A 1 2 ? 10.185  -0.293 -2.961 1.00 16.70 ? 2  G   A "C3'" 1 
ATOM   26  O  "O3'" . G   A 1 2 ? 10.410  0.618  -1.882 1.00 28.67 ? 2  G   A "O3'" 1 
ATOM   27  C  "C2'" . G   A 1 2 ? 10.190  0.389  -4.320 1.00 16.70 ? 2  G   A "C2'" 1 
ATOM   28  O  "O2'" . G   A 1 2 ? 11.289  1.222  -4.590 1.00 22.76 ? 2  G   A "O2'" 1 
ATOM   29  C  "C1'" . G   A 1 2 ? 10.399  -0.812 -5.214 1.00 16.70 ? 2  G   A "C1'" 1 
ATOM   30  N  N9    . G   A 1 2 ? 9.111   -1.418 -5.487 1.00 22.76 ? 2  G   A N9    1 
ATOM   31  C  C8    . G   A 1 2 ? 8.682   -2.626 -5.042 1.00 22.76 ? 2  G   A C8    1 
ATOM   32  N  N7    . G   A 1 2 ? 7.476   -2.912 -5.444 1.00 22.76 ? 2  G   A N7    1 
ATOM   33  C  C5    . G   A 1 2 ? 7.100   -1.820 -6.198 1.00 22.76 ? 2  G   A C5    1 
ATOM   34  C  C6    . G   A 1 2 ? 5.920   -1.573 -6.853 1.00 22.76 ? 2  G   A C6    1 
ATOM   35  O  O6    . G   A 1 2 ? 4.908   -2.320 -6.933 1.00 22.76 ? 2  G   A O6    1 
ATOM   36  N  N1    . G   A 1 2 ? 5.934   -0.329 -7.471 1.00 22.76 ? 2  G   A N1    1 
ATOM   37  C  C2    . G   A 1 2 ? 6.965   0.533  -7.451 1.00 22.76 ? 2  G   A C2    1 
ATOM   38  N  N2    . G   A 1 2 ? 6.776   1.669  -8.084 1.00 22.76 ? 2  G   A N2    1 
ATOM   39  N  N3    . G   A 1 2 ? 8.095   0.298  -6.856 1.00 22.76 ? 2  G   A N3    1 
ATOM   40  C  C4    . G   A 1 2 ? 8.087   -0.892 -6.238 1.00 22.76 ? 2  G   A C4    1 
ATOM   41  P  P     . C   A 1 3 ? 9.148   1.310  -1.092 1.00 25.62 ? 3  C   A P     1 
ATOM   42  O  OP1   . C   A 1 3 ? 9.767   2.286  -0.151 1.00 25.62 ? 3  C   A OP1   1 
ATOM   43  O  OP2   . C   A 1 3 ? 8.246   0.277  -0.523 1.00 25.62 ? 3  C   A OP2   1 
ATOM   44  O  "O5'" . C   A 1 3 ? 8.422   2.128  -2.260 1.00 19.55 ? 3  C   A "O5'" 1 
ATOM   45  C  "C5'" . C   A 1 3 ? 9.093   3.145  -3.007 1.00 25.62 ? 3  C   A "C5'" 1 
ATOM   46  C  "C4'" . C   A 1 3 ? 8.076   4.072  -3.683 1.00 20.85 ? 3  C   A "C4'" 1 
ATOM   47  O  "O4'" . C   A 1 3 ? 7.624   3.499  -4.944 1.00 20.85 ? 3  C   A "O4'" 1 
ATOM   48  C  "C3'" . C   A 1 3 ? 6.785   4.354  -2.912 1.00 20.85 ? 3  C   A "C3'" 1 
ATOM   49  O  "O3'" . C   A 1 3 ? 6.928   5.388  -1.931 1.00 25.62 ? 3  C   A "O3'" 1 
ATOM   50  C  "C2'" . C   A 1 3 ? 5.833   4.743  -4.027 1.00 20.85 ? 3  C   A "C2'" 1 
ATOM   51  O  "O2'" . C   A 1 3 ? 6.002   6.064  -4.500 1.00 19.55 ? 3  C   A "O2'" 1 
ATOM   52  C  "C1'" . C   A 1 3 ? 6.236   3.766  -5.120 1.00 20.85 ? 3  C   A "C1'" 1 
ATOM   53  N  N1    . C   A 1 3 ? 5.493   2.502  -5.030 1.00 19.55 ? 3  C   A N1    1 
ATOM   54  C  C2    . C   A 1 3 ? 4.328   2.371  -5.727 1.00 19.55 ? 3  C   A C2    1 
ATOM   55  O  O2    . C   A 1 3 ? 3.942   3.308  -6.417 1.00 19.55 ? 3  C   A O2    1 
ATOM   56  N  N3    . C   A 1 3 ? 3.635   1.220  -5.647 1.00 19.55 ? 3  C   A N3    1 
ATOM   57  C  C4    . C   A 1 3 ? 4.089   0.215  -4.907 1.00 19.55 ? 3  C   A C4    1 
ATOM   58  N  N4    . C   A 1 3 ? 3.391   -0.921 -4.865 1.00 19.55 ? 3  C   A N4    1 
ATOM   59  C  C5    . C   A 1 3 ? 5.282   0.325  -4.180 1.00 19.55 ? 3  C   A C5    1 
ATOM   60  C  C6    . C   A 1 3 ? 5.952   1.484  -4.268 1.00 19.55 ? 3  C   A C6    1 
ATOM   61  P  P     . A   A 1 4 ? 5.885   5.515  -0.706 1.00 14.93 ? 4  A   A P     1 
ATOM   62  O  OP1   . A   A 1 4 ? 6.293   6.811  -0.170 1.00 14.93 ? 4  A   A OP1   1 
ATOM   63  O  OP2   . A   A 1 4 ? 5.733   4.355  0.200  1.00 14.93 ? 4  A   A OP2   1 
ATOM   64  O  "O5'" . A   A 1 4 ? 4.540   5.833  -1.448 1.00 19.95 ? 4  A   A "O5'" 1 
ATOM   65  C  "C5'" . A   A 1 4 ? 3.383   6.124  -0.708 1.00 14.93 ? 4  A   A "C5'" 1 
ATOM   66  C  "C4'" . A   A 1 4 ? 2.490   7.038  -1.501 1.00 34.83 ? 4  A   A "C4'" 1 
ATOM   67  O  "O4'" . A   A 1 4 ? 2.494   6.605  -2.880 1.00 34.83 ? 4  A   A "O4'" 1 
ATOM   68  C  "C3'" . A   A 1 4 ? 1.061   6.934  -1.039 1.00 34.83 ? 4  A   A "C3'" 1 
ATOM   69  O  "O3'" . A   A 1 4 ? 0.831   7.937  -0.071 1.00 14.93 ? 4  A   A "O3'" 1 
ATOM   70  C  "C2'" . A   A 1 4 ? 0.270   6.953  -2.352 1.00 34.83 ? 4  A   A "C2'" 1 
ATOM   71  O  "O2'" . A   A 1 4 ? 0.147   8.238  -2.943 1.00 19.95 ? 4  A   A "O2'" 1 
ATOM   72  C  "C1'" . A   A 1 4 ? 1.212   6.132  -3.234 1.00 34.83 ? 4  A   A "C1'" 1 
ATOM   73  N  N9    . A   A 1 4 ? 1.270   4.676  -3.042 1.00 19.95 ? 4  A   A N9    1 
ATOM   74  C  C8    . A   A 1 4 ? 2.231   3.997  -2.341 1.00 19.95 ? 4  A   A C8    1 
ATOM   75  N  N7    . A   A 1 4 ? 2.071   2.696  -2.339 1.00 19.95 ? 4  A   A N7    1 
ATOM   76  C  C5    . A   A 1 4 ? 0.931   2.511  -3.100 1.00 19.95 ? 4  A   A C5    1 
ATOM   77  C  C6    . A   A 1 4 ? 0.241   1.360  -3.476 1.00 19.95 ? 4  A   A C6    1 
ATOM   78  N  N6    . A   A 1 4 ? 0.614   0.118  -3.136 1.00 19.95 ? 4  A   A N6    1 
ATOM   79  N  N1    . A   A 1 4 ? -0.865  1.520  -4.213 1.00 19.95 ? 4  A   A N1    1 
ATOM   80  C  C2    . A   A 1 4 ? -1.245  2.762  -4.550 1.00 19.95 ? 4  A   A C2    1 
ATOM   81  N  N3    . A   A 1 4 ? -0.680  3.909  -4.269 1.00 19.95 ? 4  A   A N3    1 
ATOM   82  C  C4    . A   A 1 4 ? 0.421   3.717  -3.532 1.00 19.95 ? 4  A   A C4    1 
ATOM   83  P  P     . I   A 1 5 ? 0.393   7.486  1.403  1.00 28.47 ? 5  I   A P     1 
ATOM   84  O  OP1   . I   A 1 5 ? 0.171   8.741  2.204  1.00 28.47 ? 5  I   A OP1   1 
ATOM   85  O  OP2   . I   A 1 5 ? 1.290   6.415  1.932  1.00 28.47 ? 5  I   A OP2   1 
ATOM   86  O  "O5'" . I   A 1 5 ? -1.050  6.880  1.145  1.00 32.38 ? 5  I   A "O5'" 1 
ATOM   87  C  "C5'" . I   A 1 5 ? -2.033  7.691  0.528  1.00 28.47 ? 5  I   A "C5'" 1 
ATOM   88  C  "C4'" . I   A 1 5 ? -3.131  6.835  -0.058 1.00 32.02 ? 5  I   A "C4'" 1 
ATOM   89  O  "O4'" . I   A 1 5 ? -2.619  6.045  -1.166 1.00 32.02 ? 5  I   A "O4'" 1 
ATOM   90  C  "C3'" . I   A 1 5 ? -3.734  5.777  0.843  1.00 32.02 ? 5  I   A "C3'" 1 
ATOM   91  O  "O3'" . I   A 1 5 ? -4.619  6.339  1.802  1.00 28.47 ? 5  I   A "O3'" 1 
ATOM   92  C  "C2'" . I   A 1 5 ? -4.463  4.936  -0.192 1.00 32.02 ? 5  I   A "C2'" 1 
ATOM   93  O  "O2'" . I   A 1 5 ? -5.629  5.562  -0.687 1.00 32.38 ? 5  I   A "O2'" 1 
ATOM   94  C  "C1'" . I   A 1 5 ? -3.444  4.904  -1.339 1.00 32.02 ? 5  I   A "C1'" 1 
ATOM   95  N  N9    . I   A 1 5 ? -2.624  3.706  -1.233 1.00 32.38 ? 5  I   A N9    1 
ATOM   96  C  C8    . I   A 1 5 ? -1.374  3.613  -0.705 1.00 32.38 ? 5  I   A C8    1 
ATOM   97  N  N7    . I   A 1 5 ? -0.909  2.388  -0.689 1.00 32.38 ? 5  I   A N7    1 
ATOM   98  C  C5    . I   A 1 5 ? -1.927  1.628  -1.264 1.00 32.38 ? 5  I   A C5    1 
ATOM   99  C  C6    . I   A 1 5 ? -2.016  0.192  -1.537 1.00 32.38 ? 5  I   A C6    1 
ATOM   100 O  O6    . I   A 1 5 ? -1.164  -0.717 -1.310 1.00 32.38 ? 5  I   A O6    1 
ATOM   101 N  N1    . I   A 1 5 ? -3.231  -0.130 -2.119 1.00 32.38 ? 5  I   A N1    1 
ATOM   102 C  C2    . I   A 1 5 ? -4.228  0.768  -2.409 1.00 32.38 ? 5  I   A C2    1 
ATOM   103 N  N3    . I   A 1 5 ? -4.161  2.077  -2.185 1.00 32.38 ? 5  I   A N3    1 
ATOM   104 C  C4    . I   A 1 5 ? -2.992  2.435  -1.612 1.00 32.38 ? 5  I   A C4    1 
ATOM   105 P  P     . G   A 1 6 ? -5.079  5.456  3.032  1.00 13.80 ? 6  G   A P     1 
ATOM   106 O  OP1   . G   A 1 6 ? -5.958  6.279  3.841  1.00 13.80 ? 6  G   A OP1   1 
ATOM   107 O  OP2   . G   A 1 6 ? -3.936  4.778  3.651  1.00 13.80 ? 6  G   A OP2   1 
ATOM   108 O  "O5'" . G   A 1 6 ? -5.967  4.354  2.356  1.00 20.76 ? 6  G   A "O5'" 1 
ATOM   109 C  "C5'" . G   A 1 6 ? -7.156  4.720  1.695  1.00 13.80 ? 6  G   A "C5'" 1 
ATOM   110 C  "C4'" . G   A 1 6 ? -7.892  3.490  1.261  1.00 11.45 ? 6  G   A "C4'" 1 
ATOM   111 O  "O4'" . G   A 1 6 ? -7.128  2.832  0.212  1.00 11.45 ? 6  G   A "O4'" 1 
ATOM   112 C  "C3'" . G   A 1 6 ? -7.988  2.464  2.353  1.00 11.45 ? 6  G   A "C3'" 1 
ATOM   113 O  "O3'" . G   A 1 6 ? -9.080  2.751  3.185  1.00 13.80 ? 6  G   A "O3'" 1 
ATOM   114 C  "C2'" . G   A 1 6 ? -8.151  1.184  1.551  1.00 11.45 ? 6  G   A "C2'" 1 
ATOM   115 O  "O2'" . G   A 1 6 ? -9.451  0.944  1.089  1.00 20.76 ? 6  G   A "O2'" 1 
ATOM   116 C  "C1'" . G   A 1 6 ? -7.249  1.444  0.354  1.00 11.45 ? 6  G   A "C1'" 1 
ATOM   117 N  N9    . G   A 1 6 ? -5.928  0.891  0.553  1.00 20.76 ? 6  G   A N9    1 
ATOM   118 C  C8    . G   A 1 6 ? -4.750  1.555  0.745  1.00 20.76 ? 6  G   A C8    1 
ATOM   119 N  N7    . G   A 1 6 ? -3.727  0.754  0.897  1.00 20.76 ? 6  G   A N7    1 
ATOM   120 C  C5    . G   A 1 6 ? -4.266  -0.519 0.795  1.00 20.76 ? 6  G   A C5    1 
ATOM   121 C  C6    . G   A 1 6 ? -3.653  -1.812 0.881  1.00 20.76 ? 6  G   A C6    1 
ATOM   122 O  O6    . G   A 1 6 ? -2.464  -2.101 1.039  1.00 20.76 ? 6  G   A O6    1 
ATOM   123 N  N1    . G   A 1 6 ? -4.590  -2.817 0.747  1.00 20.76 ? 6  G   A N1    1 
ATOM   124 C  C2    . G   A 1 6 ? -5.949  -2.626 0.529  1.00 20.76 ? 6  G   A C2    1 
ATOM   125 N  N2    . G   A 1 6 ? -6.728  -3.719 0.392  1.00 20.76 ? 6  G   A N2    1 
ATOM   126 N  N3    . G   A 1 6 ? -6.520  -1.449 0.440  1.00 20.76 ? 6  G   A N3    1 
ATOM   127 C  C4    . G   A 1 6 ? -5.630  -0.447 0.584  1.00 20.76 ? 6  G   A C4    1 
ATOM   128 P  P     . C   A 1 7 ? -9.349  1.839  4.456  1.00 16.30 ? 7  C   A P     1 
ATOM   129 O  OP1   . C   A 1 7 ? -10.764 1.934  4.782  1.00 16.30 ? 7  C   A OP1   1 
ATOM   130 O  OP2   . C   A 1 7 ? -8.318  1.909  5.497  1.00 16.30 ? 7  C   A OP2   1 
ATOM   131 O  "O5'" . C   A 1 7 ? -9.144  0.384  3.893  1.00 32.67 ? 7  C   A "O5'" 1 
ATOM   132 C  "C5'" . C   A 1 7 ? -10.232 -0.367 3.399  1.00 16.30 ? 7  C   A "C5'" 1 
ATOM   133 C  "C4'" . C   A 1 7 ? -9.901  -1.802 3.509  1.00 14.90 ? 7  C   A "C4'" 1 
ATOM   134 O  "O4'" . C   A 1 7 ? -8.621  -1.990 2.881  1.00 14.90 ? 7  C   A "O4'" 1 
ATOM   135 C  "C3'" . C   A 1 7 ? -9.591  -2.306 4.897  1.00 14.90 ? 7  C   A "C3'" 1 
ATOM   136 O  "O3'" . C   A 1 7 ? -10.808 -2.535 5.562  1.00 16.30 ? 7  C   A "O3'" 1 
ATOM   137 C  "C2'" . C   A 1 7 ? -8.881  -3.609 4.567  1.00 14.90 ? 7  C   A "C2'" 1 
ATOM   138 O  "O2'" . C   A 1 7 ? -9.803  -4.583 4.159  1.00 32.67 ? 7  C   A "O2'" 1 
ATOM   139 C  "C1'" . C   A 1 7 ? -8.094  -3.218 3.321  1.00 14.90 ? 7  C   A "C1'" 1 
ATOM   140 N  N1    . C   A 1 7 ? -6.699  -3.037 3.583  1.00 32.67 ? 7  C   A N1    1 
ATOM   141 C  C2    . C   A 1 7 ? -5.921  -4.153 3.739  1.00 32.67 ? 7  C   A C2    1 
ATOM   142 O  O2    . C   A 1 7 ? -6.449  -5.271 3.669  1.00 32.67 ? 7  C   A O2    1 
ATOM   143 N  N3    . C   A 1 7 ? -4.597  -4.003 3.967  1.00 32.67 ? 7  C   A N3    1 
ATOM   144 C  C4    . C   A 1 7 ? -4.061  -2.774 4.038  1.00 32.67 ? 7  C   A C4    1 
ATOM   145 N  N4    . C   A 1 7 ? -2.739  -2.673 4.252  1.00 32.67 ? 7  C   A N4    1 
ATOM   146 C  C5    . C   A 1 7 ? -4.856  -1.610 3.892  1.00 32.67 ? 7  C   A C5    1 
ATOM   147 C  C6    . C   A 1 7 ? -6.160  -1.787 3.670  1.00 32.67 ? 7  C   A C6    1 
ATOM   148 P  P     . G   A 1 8 ? -10.830 -3.035 7.097  1.00 16.57 ? 8  G   A P     1 
ATOM   149 O  OP1   . G   A 1 8 ? -12.286 -3.172 7.367  1.00 16.57 ? 8  G   A OP1   1 
ATOM   150 O  OP2   . G   A 1 8 ? -10.031 -2.086 7.851  1.00 16.57 ? 8  G   A OP2   1 
ATOM   151 O  "O5'" . G   A 1 8 ? -10.109 -4.465 7.015  1.00 16.92 ? 8  G   A "O5'" 1 
ATOM   152 C  "C5'" . G   A 1 8 ? -9.797  -5.237 8.186  1.00 16.57 ? 8  G   A "C5'" 1 
ATOM   153 C  "C4'" . G   A 1 8 ? -9.018  -6.499 7.845  1.00 2.00  ? 8  G   A "C4'" 1 
ATOM   154 O  "O4'" . G   A 1 8 ? -8.069  -6.235 6.819  1.00 2.00  ? 8  G   A "O4'" 1 
ATOM   155 C  "C3'" . G   A 1 8 ? -8.200  -7.041 8.996  1.00 2.00  ? 8  G   A "C3'" 1 
ATOM   156 O  "O3'" . G   A 1 8 ? -8.850  -7.948 9.880  1.00 16.57 ? 8  G   A "O3'" 1 
ATOM   157 C  "C2'" . G   A 1 8 ? -7.032  -7.731 8.332  1.00 2.00  ? 8  G   A "C2'" 1 
ATOM   158 O  "O2'" . G   A 1 8 ? -7.280  -9.074 8.057  1.00 16.92 ? 8  G   A "O2'" 1 
ATOM   159 C  "C1'" . G   A 1 8 ? -6.894  -6.944 7.059  1.00 2.00  ? 8  G   A "C1'" 1 
ATOM   160 N  N9    . G   A 1 8 ? -5.818  -6.000 7.165  1.00 16.92 ? 8  G   A N9    1 
ATOM   161 C  C8    . G   A 1 8 ? -5.894  -4.642 7.058  1.00 16.92 ? 8  G   A C8    1 
ATOM   162 N  N7    . G   A 1 8 ? -4.739  -4.060 7.183  1.00 16.92 ? 8  G   A N7    1 
ATOM   163 C  C5    . G   A 1 8 ? -3.849  -5.108 7.386  1.00 16.92 ? 8  G   A C5    1 
ATOM   164 C  C6    . G   A 1 8 ? -2.463  -5.099 7.578  1.00 16.92 ? 8  G   A C6    1 
ATOM   165 O  O6    . G   A 1 8 ? -1.706  -4.153 7.618  1.00 16.92 ? 8  G   A O6    1 
ATOM   166 N  N1    . G   A 1 8 ? -1.950  -6.362 7.737  1.00 16.92 ? 8  G   A N1    1 
ATOM   167 C  C2    . G   A 1 8 ? -2.667  -7.483 7.711  1.00 16.92 ? 8  G   A C2    1 
ATOM   168 N  N2    . G   A 1 8 ? -1.953  -8.584 7.873  1.00 16.92 ? 8  G   A N2    1 
ATOM   169 N  N3    . G   A 1 8 ? -3.986  -7.534 7.543  1.00 16.92 ? 8  G   A N3    1 
ATOM   170 C  C4    . G   A 1 8 ? -4.504  -6.306 7.382  1.00 16.92 ? 8  G   A C4    1 
HETATM 171 CA CA    . CA  B 2 . ? -6.923  6.102  6.971  1.00 32.08 ? 9  CA  A CA    1 
HETATM 172 O  O     . HOH C 3 . ? -7.242  4.336  4.997  1.00 34.79 ? 10 HOH A O     1 
HETATM 173 O  O     . HOH C 3 . ? -5.798  8.339  6.241  1.00 39.25 ? 11 HOH A O     1 
HETATM 174 O  O     . HOH C 3 . ? -7.874  5.714  9.437  1.00 11.45 ? 12 HOH A O     1 
HETATM 175 O  O     . HOH C 3 . ? -9.233  4.975  7.155  1.00 24.45 ? 13 HOH A O     1 
HETATM 176 O  O     . HOH C 3 . ? -12.182 -3.578 9.605  0.50 7.13  ? 14 HOH A O     1 
HETATM 177 O  O     . HOH C 3 . ? 0.564   8.533  4.868  1.00 35.13 ? 15 HOH A O     1 
# 
